data_5D1R
#
_entry.id   5D1R
#
_cell.length_a   40.444
_cell.length_b   86.533
_cell.length_c   129.870
_cell.angle_alpha   90.000
_cell.angle_beta   90.000
_cell.angle_gamma   90.000
#
_symmetry.space_group_name_H-M   'P 21 21 21'
#
loop_
_entity.id
_entity.type
_entity.pdbx_description
1 polymer 'Rv1816 transcriptional regulator'
2 non-polymer 'NICKEL (II) ION'
3 non-polymer 'SULFATE ION'
4 non-polymer 'MAGNESIUM ION'
5 non-polymer 'propan-2-yl dodecanoate'
6 water water
#
_entity_poly.entity_id   1
_entity_poly.type   'polypeptide(L)'
_entity_poly.pdbx_seq_one_letter_code
;MCQTCRVGKRRDAREQIEAKIVELGRRQLLDHGAAGLSLRAIARNLGMVSSAVYRYVSSRDELLTLLLVDAYSDLADTVD
RARDDTVADSWSDDVIAIARAVRGWAVTNPARWALLYGSPVPGYHAPPDRTAGVATRVVGAFFDAIAAGIATGDIRLTDD
VAPQPMSSDFEKIRQEFGFPGDDRVVTKCFLLWAGVVGAISLEVFGQYGADMLTDPGVVFDAQTRLLVAVLAEHHHHHH
;
_entity_poly.pdbx_strand_id   A,B
#
# COMPACT_ATOMS: atom_id res chain seq x y z
N ALA A 13 22.90 27.03 -15.83
CA ALA A 13 24.13 26.67 -15.12
C ALA A 13 23.78 26.10 -13.74
N ARG A 14 22.87 26.79 -13.05
CA ARG A 14 22.26 26.22 -11.87
C ARG A 14 21.55 24.94 -12.30
N GLU A 15 20.61 25.08 -13.21
CA GLU A 15 19.87 23.94 -13.72
C GLU A 15 20.72 22.65 -13.76
N GLN A 16 21.90 22.67 -14.39
CA GLN A 16 22.67 21.42 -14.51
C GLN A 16 23.25 20.91 -13.18
N ILE A 17 23.55 21.83 -12.27
CA ILE A 17 24.10 21.44 -10.97
C ILE A 17 23.00 20.85 -10.10
N GLU A 18 21.86 21.51 -10.11
CA GLU A 18 20.68 21.03 -9.41
C GLU A 18 20.44 19.56 -9.81
N ALA A 19 20.62 19.23 -11.08
CA ALA A 19 20.39 17.87 -11.57
C ALA A 19 21.32 16.85 -10.95
N LYS A 20 22.61 17.20 -10.86
CA LYS A 20 23.52 16.26 -10.24
C LYS A 20 23.18 16.12 -8.77
N ILE A 21 22.71 17.20 -8.14
CA ILE A 21 22.29 17.16 -6.74
C ILE A 21 21.08 16.22 -6.58
N VAL A 22 20.07 16.43 -7.40
CA VAL A 22 18.91 15.53 -7.38
C VAL A 22 19.30 14.06 -7.71
N GLU A 23 20.12 13.84 -8.74
CA GLU A 23 20.53 12.48 -9.00
C GLU A 23 21.22 11.88 -7.78
N LEU A 24 22.11 12.63 -7.11
CA LEU A 24 22.75 12.08 -5.91
C LEU A 24 21.77 11.89 -4.79
N GLY A 25 20.74 12.73 -4.76
CA GLY A 25 19.68 12.53 -3.79
C GLY A 25 18.91 11.24 -4.04
N ARG A 26 18.54 10.96 -5.30
CA ARG A 26 17.90 9.68 -5.65
C ARG A 26 18.73 8.50 -5.11
N ARG A 27 20.06 8.59 -5.27
CA ARG A 27 20.94 7.54 -4.76
C ARG A 27 20.89 7.41 -3.25
N GLN A 28 20.92 8.51 -2.53
CA GLN A 28 20.83 8.40 -1.09
C GLN A 28 19.54 7.72 -0.64
N LEU A 29 18.44 7.99 -1.35
CA LEU A 29 17.15 7.35 -1.04
C LEU A 29 17.29 5.84 -1.14
N LEU A 30 17.87 5.40 -2.25
CA LEU A 30 18.07 3.98 -2.52
C LEU A 30 18.87 3.33 -1.39
N ASP A 31 19.80 4.08 -0.81
CA ASP A 31 20.79 3.52 0.12
C ASP A 31 20.44 3.74 1.58
N HIS A 32 19.74 4.84 1.89
CA HIS A 32 19.40 5.17 3.27
C HIS A 32 17.96 5.61 3.46
N GLY A 33 17.20 5.71 2.37
CA GLY A 33 15.87 6.28 2.45
C GLY A 33 15.98 7.77 2.69
N ALA A 34 14.85 8.39 3.02
CA ALA A 34 14.79 9.82 3.24
C ALA A 34 15.68 10.22 4.41
N ALA A 35 15.94 9.28 5.32
CA ALA A 35 16.80 9.56 6.45
C ALA A 35 18.14 10.02 5.90
N GLY A 36 18.79 9.13 5.17
CA GLY A 36 20.15 9.41 4.71
C GLY A 36 20.30 10.54 3.72
N LEU A 37 19.22 11.26 3.41
CA LEU A 37 19.35 12.44 2.58
C LEU A 37 20.28 13.42 3.30
N SER A 38 21.33 13.85 2.63
CA SER A 38 22.27 14.77 3.24
C SER A 38 22.90 15.60 2.15
N LEU A 39 22.56 16.88 2.15
CA LEU A 39 23.19 17.84 1.24
C LEU A 39 24.71 17.94 1.46
N ARG A 40 25.15 17.75 2.71
CA ARG A 40 26.59 17.75 2.99
C ARG A 40 27.35 16.62 2.30
N ALA A 41 26.89 15.38 2.48
CA ALA A 41 27.44 14.24 1.70
C ALA A 41 27.39 14.53 0.20
N ILE A 42 26.19 14.77 -0.31
CA ILE A 42 26.05 15.19 -1.70
C ILE A 42 27.17 16.18 -2.04
N ALA A 43 27.25 17.26 -1.26
CA ALA A 43 28.17 18.37 -1.51
C ALA A 43 29.59 17.87 -1.71
N ARG A 44 29.96 16.86 -0.95
CA ARG A 44 31.25 16.22 -1.13
C ARG A 44 31.25 15.53 -2.49
N ASN A 45 30.42 14.51 -2.63
CA ASN A 45 30.47 13.63 -3.80
C ASN A 45 30.34 14.37 -5.12
N LEU A 46 30.30 15.70 -5.07
CA LEU A 46 30.38 16.53 -6.26
C LEU A 46 31.62 17.42 -6.23
N GLY A 47 32.61 16.98 -5.46
CA GLY A 47 33.80 17.78 -5.20
C GLY A 47 33.47 19.24 -4.91
N MET A 48 32.39 19.47 -4.16
CA MET A 48 31.97 20.83 -3.83
C MET A 48 32.02 21.05 -2.32
N VAL A 49 31.88 22.29 -1.90
CA VAL A 49 31.85 22.61 -0.49
C VAL A 49 30.39 22.69 -0.07
N SER A 50 30.12 22.27 1.16
CA SER A 50 28.77 22.36 1.73
C SER A 50 28.09 23.71 1.48
N SER A 51 28.77 24.79 1.78
CA SER A 51 28.18 26.14 1.61
C SER A 51 27.77 26.39 0.15
N ALA A 52 28.50 25.79 -0.78
CA ALA A 52 28.15 25.93 -2.19
C ALA A 52 26.80 25.25 -2.53
N VAL A 53 26.44 24.19 -1.81
CA VAL A 53 25.27 23.41 -2.22
C VAL A 53 23.99 24.12 -1.89
N TYR A 54 23.95 24.82 -0.77
CA TYR A 54 22.72 25.51 -0.35
C TYR A 54 22.34 26.59 -1.32
N ARG A 55 23.29 26.96 -2.17
CA ARG A 55 23.05 27.98 -3.18
C ARG A 55 22.22 27.40 -4.35
N TYR A 56 22.26 26.09 -4.47
CA TYR A 56 21.55 25.38 -5.55
C TYR A 56 20.28 24.67 -5.03
N VAL A 57 20.40 24.06 -3.86
CA VAL A 57 19.31 23.40 -3.14
C VAL A 57 19.47 23.79 -1.65
N SER A 58 18.54 24.61 -1.20
CA SER A 58 18.69 25.44 -0.01
C SER A 58 18.39 24.72 1.29
N SER A 59 17.81 23.51 1.21
CA SER A 59 17.52 22.74 2.42
C SER A 59 17.16 21.29 2.11
N ARG A 60 17.16 20.47 3.16
CA ARG A 60 16.69 19.09 3.08
C ARG A 60 15.26 19.08 2.58
N ASP A 61 14.43 20.02 3.04
CA ASP A 61 13.02 20.06 2.63
C ASP A 61 12.93 20.35 1.14
N GLU A 62 13.76 21.27 0.66
CA GLU A 62 13.72 21.59 -0.77
C GLU A 62 14.21 20.38 -1.57
N LEU A 63 15.23 19.69 -1.09
CA LEU A 63 15.74 18.50 -1.77
C LEU A 63 14.63 17.43 -1.85
N LEU A 64 13.92 17.21 -0.75
CA LEU A 64 12.78 16.26 -0.73
C LEU A 64 11.69 16.70 -1.71
N THR A 65 11.39 17.99 -1.74
CA THR A 65 10.38 18.47 -2.63
C THR A 65 10.75 18.26 -4.11
N LEU A 66 12.00 18.57 -4.46
CA LEU A 66 12.53 18.30 -5.80
C LEU A 66 12.46 16.81 -6.15
N LEU A 67 12.80 15.96 -5.19
CA LEU A 67 12.78 14.51 -5.40
C LEU A 67 11.34 14.00 -5.56
N LEU A 68 10.39 14.55 -4.80
CA LEU A 68 8.97 14.21 -4.98
C LEU A 68 8.45 14.65 -6.33
N VAL A 69 8.69 15.90 -6.71
CA VAL A 69 8.23 16.36 -8.01
C VAL A 69 8.81 15.54 -9.15
N ASP A 70 10.12 15.33 -9.13
CA ASP A 70 10.82 14.46 -10.06
C ASP A 70 10.17 13.07 -10.17
N ALA A 71 9.85 12.45 -9.02
CA ALA A 71 9.28 11.09 -8.98
C ALA A 71 7.85 11.03 -9.51
N TYR A 72 6.99 11.92 -9.03
CA TYR A 72 5.65 12.00 -9.54
C TYR A 72 5.68 12.22 -11.07
N SER A 73 6.57 13.08 -11.55
CA SER A 73 6.61 13.40 -12.97
C SER A 73 7.10 12.26 -13.81
N ASP A 74 8.14 11.58 -13.34
CA ASP A 74 8.67 10.44 -14.05
CA ASP A 74 8.69 10.45 -14.06
C ASP A 74 7.65 9.31 -14.11
N LEU A 75 6.99 9.07 -12.99
CA LEU A 75 5.96 8.05 -12.92
C LEU A 75 4.83 8.38 -13.93
N ALA A 76 4.36 9.61 -13.93
CA ALA A 76 3.28 10.00 -14.81
C ALA A 76 3.69 9.96 -16.28
N ASP A 77 4.94 10.33 -16.55
CA ASP A 77 5.46 10.32 -17.91
C ASP A 77 5.56 8.88 -18.43
N THR A 78 5.93 7.97 -17.55
CA THR A 78 5.94 6.55 -17.85
C THR A 78 4.54 6.00 -18.15
N VAL A 79 3.54 6.38 -17.36
CA VAL A 79 2.16 6.01 -17.65
C VAL A 79 1.73 6.52 -19.02
N ASP A 80 2.00 7.78 -19.28
CA ASP A 80 1.58 8.45 -20.50
C ASP A 80 2.19 7.76 -21.72
N ARG A 81 3.44 7.32 -21.60
CA ARG A 81 4.11 6.60 -22.69
C ARG A 81 3.48 5.25 -22.94
N ALA A 82 3.15 4.54 -21.87
CA ALA A 82 2.55 3.23 -21.99
C ALA A 82 1.15 3.32 -22.62
N ARG A 83 0.42 4.40 -22.36
CA ARG A 83 -0.91 4.57 -22.95
C ARG A 83 -0.83 4.87 -24.44
N ASP A 84 0.26 5.51 -24.82
CA ASP A 84 0.43 5.89 -26.21
C ASP A 84 0.78 4.67 -27.08
N ASP A 85 1.12 3.56 -26.44
CA ASP A 85 1.41 2.30 -27.13
C ASP A 85 0.35 1.25 -26.80
N THR A 86 -0.74 1.69 -26.19
CA THR A 86 -2.00 0.95 -26.20
C THR A 86 -2.78 1.66 -27.28
N VAL A 87 -2.83 1.04 -28.43
CA VAL A 87 -3.58 1.60 -29.53
C VAL A 87 -4.64 0.57 -29.74
N ALA A 88 -5.85 0.89 -29.30
CA ALA A 88 -6.75 -0.17 -28.95
C ALA A 88 -8.23 0.19 -29.00
N ASP A 89 -8.99 -0.89 -29.10
CA ASP A 89 -10.43 -0.86 -28.99
C ASP A 89 -10.82 -0.28 -27.63
N SER A 90 -9.93 -0.40 -26.64
CA SER A 90 -10.44 -0.81 -25.35
C SER A 90 -10.10 0.03 -24.13
N TRP A 91 -11.15 0.52 -23.48
CA TRP A 91 -10.98 1.23 -22.22
C TRP A 91 -10.37 0.26 -21.21
N SER A 92 -10.75 -1.00 -21.25
CA SER A 92 -10.22 -1.95 -20.27
C SER A 92 -8.72 -2.21 -20.47
N ASP A 93 -8.29 -2.40 -21.70
CA ASP A 93 -6.86 -2.48 -22.01
C ASP A 93 -6.06 -1.24 -21.56
N ASP A 94 -6.67 -0.07 -21.69
CA ASP A 94 -6.08 1.18 -21.21
C ASP A 94 -5.86 1.13 -19.67
N VAL A 95 -6.91 0.78 -18.95
CA VAL A 95 -6.83 0.67 -17.49
C VAL A 95 -5.76 -0.33 -17.10
N ILE A 96 -5.73 -1.45 -17.77
CA ILE A 96 -4.76 -2.48 -17.50
C ILE A 96 -3.31 -2.04 -17.78
N ALA A 97 -3.13 -1.33 -18.89
CA ALA A 97 -1.87 -0.77 -19.29
C ALA A 97 -1.40 0.30 -18.31
N ILE A 98 -2.31 1.15 -17.82
CA ILE A 98 -1.91 2.14 -16.82
C ILE A 98 -1.39 1.46 -15.57
N ALA A 99 -2.16 0.49 -15.07
CA ALA A 99 -1.83 -0.25 -13.87
C ALA A 99 -0.49 -0.96 -14.02
N ARG A 100 -0.31 -1.63 -15.14
CA ARG A 100 0.99 -2.27 -15.40
C ARG A 100 2.17 -1.31 -15.39
N ALA A 101 1.99 -0.13 -15.97
CA ALA A 101 3.07 0.83 -16.06
C ALA A 101 3.41 1.40 -14.69
N VAL A 102 2.39 1.59 -13.84
CA VAL A 102 2.62 2.06 -12.46
C VAL A 102 3.43 1.06 -11.68
N ARG A 103 3.06 -0.22 -11.78
CA ARG A 103 3.79 -1.27 -11.09
C ARG A 103 5.21 -1.37 -11.63
N GLY A 104 5.36 -1.37 -12.95
CA GLY A 104 6.69 -1.43 -13.54
C GLY A 104 7.59 -0.29 -13.03
N TRP A 105 7.03 0.92 -12.98
CA TRP A 105 7.79 2.07 -12.48
C TRP A 105 8.19 1.87 -11.04
N ALA A 106 7.27 1.37 -10.24
CA ALA A 106 7.52 1.23 -8.81
C ALA A 106 8.61 0.16 -8.55
N VAL A 107 8.55 -0.94 -9.28
CA VAL A 107 9.50 -2.04 -9.05
C VAL A 107 10.91 -1.62 -9.50
N THR A 108 10.96 -0.81 -10.55
CA THR A 108 12.20 -0.26 -11.11
C THR A 108 12.74 0.92 -10.29
N ASN A 109 11.87 1.54 -9.51
CA ASN A 109 12.25 2.71 -8.70
C ASN A 109 11.70 2.59 -7.35
N PRO A 110 12.10 1.55 -6.62
CA PRO A 110 11.44 1.23 -5.36
C PRO A 110 11.60 2.27 -4.23
N ALA A 111 12.74 2.93 -4.18
CA ALA A 111 12.97 3.93 -3.14
C ALA A 111 12.17 5.18 -3.47
N ARG A 112 11.96 5.44 -4.76
CA ARG A 112 11.17 6.60 -5.14
C ARG A 112 9.68 6.29 -4.96
N TRP A 113 9.26 5.07 -5.24
CA TRP A 113 7.92 4.67 -4.84
C TRP A 113 7.66 4.87 -3.33
N ALA A 114 8.58 4.41 -2.50
CA ALA A 114 8.51 4.62 -1.05
C ALA A 114 8.34 6.10 -0.68
N LEU A 115 9.07 6.97 -1.38
CA LEU A 115 9.01 8.40 -1.16
C LEU A 115 7.60 8.87 -1.48
N LEU A 116 7.07 8.41 -2.60
CA LEU A 116 5.71 8.81 -3.01
C LEU A 116 4.53 8.24 -2.18
N TYR A 117 4.51 6.93 -1.98
CA TYR A 117 3.34 6.24 -1.40
C TYR A 117 3.67 5.42 -0.15
N GLY A 118 4.90 5.53 0.32
CA GLY A 118 5.29 4.93 1.59
C GLY A 118 5.03 5.82 2.80
N SER A 119 5.76 5.57 3.87
CA SER A 119 5.62 6.33 5.13
C SER A 119 5.93 7.81 4.98
N PRO A 120 5.23 8.66 5.76
CA PRO A 120 5.50 10.09 5.65
C PRO A 120 6.89 10.34 6.25
N VAL A 121 7.55 11.42 5.84
CA VAL A 121 8.85 11.76 6.37
C VAL A 121 8.58 12.66 7.56
N PRO A 122 9.05 12.26 8.75
CA PRO A 122 8.77 13.05 9.94
C PRO A 122 9.20 14.51 9.79
N GLY A 123 8.28 15.41 10.09
CA GLY A 123 8.57 16.82 10.11
C GLY A 123 8.35 17.50 8.77
N TYR A 124 8.13 16.72 7.72
CA TYR A 124 8.06 17.29 6.38
C TYR A 124 6.65 17.23 5.84
N HIS A 125 6.21 18.30 5.19
CA HIS A 125 4.96 18.29 4.49
C HIS A 125 5.15 18.92 3.11
N ALA A 126 4.81 18.19 2.05
CA ALA A 126 5.07 18.68 0.71
C ALA A 126 4.26 19.93 0.44
N PRO A 127 4.89 20.95 -0.17
CA PRO A 127 4.14 22.15 -0.58
C PRO A 127 3.18 21.86 -1.71
N PRO A 128 1.86 22.00 -1.47
CA PRO A 128 0.88 21.59 -2.47
C PRO A 128 1.02 22.36 -3.77
N ASP A 129 1.54 23.58 -3.73
CA ASP A 129 1.70 24.33 -4.96
C ASP A 129 2.82 23.78 -5.87
N ARG A 130 3.64 22.85 -5.39
CA ARG A 130 4.64 22.26 -6.27
C ARG A 130 4.35 20.79 -6.62
N THR A 131 3.59 20.16 -5.77
CA THR A 131 3.44 18.73 -5.76
C THR A 131 2.02 18.27 -6.16
N ALA A 132 0.99 19.09 -5.88
CA ALA A 132 -0.41 18.65 -6.02
C ALA A 132 -0.80 18.30 -7.45
N GLY A 133 -0.42 19.15 -8.40
CA GLY A 133 -0.70 18.89 -9.79
C GLY A 133 -0.13 17.57 -10.30
N VAL A 134 1.18 17.39 -10.23
CA VAL A 134 1.77 16.16 -10.73
C VAL A 134 1.26 14.93 -10.00
N ALA A 135 0.88 15.10 -8.75
CA ALA A 135 0.46 13.99 -7.92
C ALA A 135 -0.93 13.48 -8.34
N THR A 136 -1.61 14.23 -9.21
CA THR A 136 -2.92 13.81 -9.67
C THR A 136 -2.89 13.31 -11.11
N ARG A 137 -1.71 13.25 -11.73
CA ARG A 137 -1.65 12.89 -13.16
C ARG A 137 -2.05 11.43 -13.44
N VAL A 138 -1.68 10.52 -12.56
CA VAL A 138 -1.98 9.13 -12.85
C VAL A 138 -3.46 8.81 -12.51
N VAL A 139 -3.89 9.28 -11.34
CA VAL A 139 -5.29 9.21 -10.95
C VAL A 139 -6.12 9.75 -12.09
N GLY A 140 -5.68 10.87 -12.64
CA GLY A 140 -6.32 11.51 -13.80
C GLY A 140 -6.42 10.64 -15.03
N ALA A 141 -5.32 9.95 -15.33
CA ALA A 141 -5.30 8.99 -16.43
C ALA A 141 -6.29 7.85 -16.24
N PHE A 142 -6.42 7.33 -15.03
CA PHE A 142 -7.36 6.26 -14.74
C PHE A 142 -8.79 6.76 -14.98
N PHE A 143 -9.09 7.99 -14.54
CA PHE A 143 -10.43 8.55 -14.72
C PHE A 143 -10.74 8.70 -16.22
N ASP A 144 -9.78 9.19 -16.99
CA ASP A 144 -9.93 9.33 -18.42
CA ASP A 144 -9.94 9.31 -18.44
C ASP A 144 -10.16 7.95 -19.12
N ALA A 145 -9.39 6.92 -18.76
CA ALA A 145 -9.61 5.58 -19.34
C ALA A 145 -11.01 5.06 -18.99
N ILE A 146 -11.40 5.28 -17.74
CA ILE A 146 -12.65 4.74 -17.25
C ILE A 146 -13.83 5.49 -17.91
N ALA A 147 -13.68 6.79 -18.15
CA ALA A 147 -14.70 7.63 -18.79
C ALA A 147 -15.07 7.11 -20.19
N ALA A 148 -14.11 6.48 -20.87
CA ALA A 148 -14.34 5.89 -22.17
C ALA A 148 -15.23 4.64 -22.03
N GLY A 149 -15.03 3.89 -20.95
CA GLY A 149 -15.90 2.77 -20.64
C GLY A 149 -17.33 3.20 -20.34
N ILE A 150 -17.48 4.35 -19.67
CA ILE A 150 -18.80 4.92 -19.42
C ILE A 150 -19.47 5.40 -20.72
N ALA A 151 -18.73 6.07 -21.59
CA ALA A 151 -19.20 6.54 -22.88
C ALA A 151 -19.73 5.44 -23.80
N THR A 152 -19.03 4.32 -23.87
CA THR A 152 -19.47 3.18 -24.69
C THR A 152 -20.56 2.30 -24.06
N GLY A 153 -20.90 2.53 -22.81
CA GLY A 153 -21.97 1.75 -22.18
C GLY A 153 -21.53 0.48 -21.46
N ASP A 154 -20.25 0.18 -21.45
CA ASP A 154 -19.74 -0.97 -20.69
C ASP A 154 -19.86 -0.75 -19.18
N ILE A 155 -19.70 0.51 -18.76
CA ILE A 155 -19.91 0.89 -17.40
C ILE A 155 -21.17 1.68 -17.33
N ARG A 156 -22.17 1.12 -16.66
CA ARG A 156 -23.48 1.76 -16.61
C ARG A 156 -23.67 2.60 -15.37
N LEU A 157 -24.10 3.84 -15.58
CA LEU A 157 -24.40 4.75 -14.50
C LEU A 157 -25.78 4.45 -13.93
N THR A 158 -25.94 4.61 -12.61
CA THR A 158 -27.23 4.46 -11.93
C THR A 158 -27.52 5.73 -11.16
N ASP A 159 -28.69 5.79 -10.54
CA ASP A 159 -29.00 6.96 -9.71
C ASP A 159 -28.72 6.66 -8.24
N ASP A 160 -28.17 5.48 -7.93
CA ASP A 160 -27.77 5.16 -6.57
C ASP A 160 -26.88 6.26 -5.99
N VAL A 161 -27.09 6.63 -4.73
CA VAL A 161 -26.25 7.63 -4.10
C VAL A 161 -25.37 6.90 -3.10
N ALA A 162 -24.08 7.17 -3.10
CA ALA A 162 -23.21 6.48 -2.15
C ALA A 162 -23.54 6.99 -0.73
N PRO A 163 -23.23 6.21 0.31
CA PRO A 163 -23.47 6.76 1.66
C PRO A 163 -22.75 8.10 1.94
N GLN A 164 -23.48 9.05 2.50
CA GLN A 164 -22.85 10.33 2.88
C GLN A 164 -21.85 10.14 3.99
N PRO A 165 -20.78 10.97 4.00
CA PRO A 165 -20.53 12.10 3.12
C PRO A 165 -19.87 11.73 1.78
N MET A 166 -19.73 10.46 1.45
CA MET A 166 -19.05 10.10 0.19
C MET A 166 -19.64 10.77 -0.99
N SER A 167 -20.97 10.71 -1.10
CA SER A 167 -21.62 11.29 -2.25
C SER A 167 -21.28 12.75 -2.44
N SER A 168 -21.24 13.48 -1.33
CA SER A 168 -20.88 14.89 -1.42
C SER A 168 -19.42 15.07 -1.83
N ASP A 169 -18.52 14.30 -1.22
CA ASP A 169 -17.10 14.41 -1.55
C ASP A 169 -16.93 14.10 -3.04
N PHE A 170 -17.67 13.09 -3.50
CA PHE A 170 -17.53 12.58 -4.87
C PHE A 170 -17.95 13.61 -5.89
N GLU A 171 -18.96 14.41 -5.57
CA GLU A 171 -19.33 15.44 -6.52
C GLU A 171 -18.15 16.39 -6.77
N LYS A 172 -17.41 16.75 -5.72
CA LYS A 172 -16.29 17.66 -5.90
C LYS A 172 -15.16 16.98 -6.70
N ILE A 173 -14.96 15.68 -6.48
CA ILE A 173 -13.95 14.92 -7.25
C ILE A 173 -14.28 14.85 -8.76
N ARG A 174 -15.52 14.51 -9.11
CA ARG A 174 -15.94 14.48 -10.50
C ARG A 174 -15.69 15.80 -11.17
N GLN A 175 -16.00 16.90 -10.49
CA GLN A 175 -15.78 18.24 -11.06
C GLN A 175 -14.32 18.56 -11.30
N GLU A 176 -13.49 18.19 -10.32
CA GLU A 176 -12.05 18.44 -10.42
C GLU A 176 -11.41 17.66 -11.55
N PHE A 177 -11.91 16.46 -11.81
CA PHE A 177 -11.27 15.61 -12.79
C PHE A 177 -12.05 15.54 -14.09
N GLY A 178 -13.12 16.33 -14.17
CA GLY A 178 -13.99 16.34 -15.33
C GLY A 178 -14.43 14.93 -15.64
N PHE A 179 -14.79 14.21 -14.60
CA PHE A 179 -15.13 12.82 -14.75
C PHE A 179 -16.65 12.65 -14.68
N PRO A 180 -17.27 12.08 -15.71
CA PRO A 180 -18.74 12.03 -15.77
C PRO A 180 -19.36 10.78 -15.17
N GLY A 181 -18.86 10.37 -14.02
CA GLY A 181 -19.30 9.15 -13.40
C GLY A 181 -20.52 9.43 -12.53
N ASP A 182 -20.98 8.39 -11.85
CA ASP A 182 -21.98 8.53 -10.80
C ASP A 182 -21.22 8.17 -9.52
N ASP A 183 -21.91 8.10 -8.40
CA ASP A 183 -21.28 7.76 -7.13
C ASP A 183 -20.66 6.35 -7.10
N ARG A 184 -21.41 5.39 -7.62
CA ARG A 184 -20.98 4.01 -7.62
CA ARG A 184 -20.99 4.01 -7.63
C ARG A 184 -19.66 3.82 -8.36
N VAL A 185 -19.54 4.40 -9.56
CA VAL A 185 -18.31 4.25 -10.30
C VAL A 185 -17.15 4.91 -9.55
N VAL A 186 -17.39 6.04 -8.89
CA VAL A 186 -16.32 6.71 -8.14
C VAL A 186 -15.81 5.84 -6.99
N THR A 187 -16.71 5.20 -6.25
CA THR A 187 -16.33 4.26 -5.21
C THR A 187 -15.37 3.20 -5.76
N LYS A 188 -15.69 2.72 -6.96
CA LYS A 188 -14.93 1.66 -7.60
C LYS A 188 -13.62 2.22 -8.11
N CYS A 189 -13.56 3.53 -8.40
CA CYS A 189 -12.30 4.17 -8.74
C CYS A 189 -11.41 4.22 -7.51
N PHE A 190 -11.98 4.55 -6.35
CA PHE A 190 -11.19 4.51 -5.14
C PHE A 190 -10.66 3.12 -4.84
N LEU A 191 -11.48 2.12 -5.09
CA LEU A 191 -11.08 0.75 -4.89
C LEU A 191 -9.90 0.37 -5.78
N LEU A 192 -9.95 0.76 -7.04
CA LEU A 192 -8.89 0.45 -8.00
C LEU A 192 -7.58 1.09 -7.55
N TRP A 193 -7.62 2.36 -7.16
CA TRP A 193 -6.40 3.04 -6.74
C TRP A 193 -5.81 2.36 -5.51
N ALA A 194 -6.64 2.11 -4.51
CA ALA A 194 -6.23 1.38 -3.33
C ALA A 194 -5.65 0.01 -3.63
N GLY A 195 -6.29 -0.75 -4.52
CA GLY A 195 -5.79 -2.06 -4.90
C GLY A 195 -4.45 -2.03 -5.62
N VAL A 196 -4.28 -1.06 -6.51
CA VAL A 196 -3.04 -0.88 -7.23
C VAL A 196 -1.94 -0.46 -6.30
N VAL A 197 -2.17 0.59 -5.51
CA VAL A 197 -1.16 1.09 -4.59
C VAL A 197 -0.79 0.03 -3.56
N GLY A 198 -1.82 -0.64 -3.07
CA GLY A 198 -1.66 -1.64 -2.05
C GLY A 198 -0.91 -2.86 -2.53
N ALA A 199 -1.27 -3.37 -3.70
CA ALA A 199 -0.57 -4.54 -4.27
C ALA A 199 0.92 -4.23 -4.54
N ILE A 200 1.18 -3.06 -5.11
CA ILE A 200 2.52 -2.63 -5.43
C ILE A 200 3.33 -2.48 -4.16
N SER A 201 2.76 -1.84 -3.16
CA SER A 201 3.47 -1.61 -1.90
C SER A 201 3.79 -2.89 -1.16
N LEU A 202 2.88 -3.85 -1.14
CA LEU A 202 3.15 -5.14 -0.53
C LEU A 202 4.34 -5.84 -1.22
N GLU A 203 4.45 -5.74 -2.53
CA GLU A 203 5.54 -6.39 -3.25
C GLU A 203 6.85 -5.60 -3.06
N VAL A 204 6.78 -4.30 -3.30
CA VAL A 204 7.98 -3.49 -3.29
C VAL A 204 8.58 -3.33 -1.89
N PHE A 205 7.75 -3.19 -0.86
CA PHE A 205 8.24 -3.05 0.52
C PHE A 205 8.55 -4.42 1.15
N GLY A 206 8.34 -5.50 0.41
CA GLY A 206 8.89 -6.79 0.81
C GLY A 206 8.06 -7.57 1.79
N GLN A 207 6.77 -7.29 1.84
CA GLN A 207 5.87 -8.09 2.65
C GLN A 207 5.69 -9.50 2.09
N TYR A 208 5.49 -9.63 0.77
CA TYR A 208 5.21 -10.95 0.19
C TYR A 208 6.31 -11.95 0.57
N GLY A 209 7.55 -11.48 0.60
CA GLY A 209 8.68 -12.36 0.80
C GLY A 209 9.16 -12.89 -0.54
N ALA A 210 10.37 -13.43 -0.54
CA ALA A 210 11.06 -13.81 -1.78
C ALA A 210 10.33 -14.90 -2.57
N ASP A 211 10.11 -16.05 -1.93
CA ASP A 211 9.64 -17.24 -2.64
C ASP A 211 8.15 -17.19 -3.04
N MET A 212 7.31 -16.71 -2.14
CA MET A 212 5.86 -16.85 -2.23
C MET A 212 5.31 -16.84 -3.67
N LEU A 213 5.57 -15.76 -4.40
CA LEU A 213 5.12 -15.63 -5.79
C LEU A 213 6.31 -15.64 -6.71
N THR A 214 6.27 -16.54 -7.67
CA THR A 214 7.31 -16.63 -8.65
C THR A 214 7.42 -15.38 -9.50
N ASP A 215 6.31 -14.90 -10.07
CA ASP A 215 6.29 -13.56 -10.68
C ASP A 215 5.08 -12.81 -10.13
N PRO A 216 5.33 -11.84 -9.26
CA PRO A 216 4.20 -11.11 -8.70
C PRO A 216 3.45 -10.29 -9.73
N GLY A 217 4.08 -9.98 -10.86
CA GLY A 217 3.43 -9.22 -11.91
C GLY A 217 2.21 -9.94 -12.47
N VAL A 218 2.24 -11.27 -12.42
CA VAL A 218 1.16 -12.06 -12.95
C VAL A 218 -0.07 -12.02 -12.06
N VAL A 219 0.12 -12.18 -10.77
CA VAL A 219 -0.98 -12.03 -9.81
C VAL A 219 -1.52 -10.58 -9.91
N PHE A 220 -0.62 -9.62 -10.06
CA PHE A 220 -1.06 -8.22 -10.10
C PHE A 220 -2.02 -7.99 -11.26
N ASP A 221 -1.64 -8.49 -12.42
CA ASP A 221 -2.47 -8.32 -13.61
C ASP A 221 -3.82 -9.01 -13.43
N ALA A 222 -3.85 -10.16 -12.78
CA ALA A 222 -5.13 -10.82 -12.52
C ALA A 222 -5.98 -9.97 -11.62
N GLN A 223 -5.35 -9.37 -10.61
CA GLN A 223 -6.09 -8.46 -9.77
C GLN A 223 -6.69 -7.29 -10.59
N THR A 224 -5.90 -6.71 -11.50
CA THR A 224 -6.39 -5.58 -12.28
C THR A 224 -7.59 -6.00 -13.16
N ARG A 225 -7.49 -7.18 -13.76
CA ARG A 225 -8.63 -7.68 -14.53
C ARG A 225 -9.88 -7.86 -13.65
N LEU A 226 -9.72 -8.29 -12.41
CA LEU A 226 -10.88 -8.27 -11.48
C LEU A 226 -11.43 -6.88 -11.22
N LEU A 227 -10.55 -5.88 -11.11
CA LEU A 227 -10.98 -4.51 -10.84
C LEU A 227 -11.74 -3.94 -12.04
N VAL A 228 -11.31 -4.33 -13.23
CA VAL A 228 -12.03 -4.01 -14.46
C VAL A 228 -13.43 -4.67 -14.47
N ALA A 229 -13.52 -5.92 -14.06
CA ALA A 229 -14.83 -6.59 -13.93
C ALA A 229 -15.73 -5.90 -12.91
N VAL A 230 -15.16 -5.36 -11.83
CA VAL A 230 -15.96 -4.65 -10.84
C VAL A 230 -16.55 -3.37 -11.46
N LEU A 231 -15.69 -2.62 -12.15
CA LEU A 231 -16.12 -1.37 -12.82
C LEU A 231 -17.22 -1.65 -13.82
N ALA A 232 -17.11 -2.74 -14.56
CA ALA A 232 -18.08 -3.02 -15.62
C ALA A 232 -19.28 -3.87 -15.15
N GLU A 233 -19.36 -4.18 -13.86
CA GLU A 233 -20.36 -5.13 -13.31
C GLU A 233 -20.45 -6.36 -14.19
N HIS A 234 -19.29 -6.88 -14.54
CA HIS A 234 -19.20 -8.11 -15.33
C HIS A 234 -19.20 -9.37 -14.45
N HIS A 235 -20.41 -9.83 -14.16
CA HIS A 235 -20.62 -11.05 -13.43
C HIS A 235 -22.06 -11.49 -13.76
N HIS A 236 -22.44 -12.65 -13.23
CA HIS A 236 -23.76 -13.21 -13.48
C HIS A 236 -24.15 -13.90 -12.19
N HIS A 237 -25.39 -14.34 -12.14
CA HIS A 237 -25.90 -14.99 -10.94
C HIS A 237 -26.68 -16.23 -11.33
N HIS A 238 -26.71 -17.19 -10.43
CA HIS A 238 -27.46 -18.40 -10.65
C HIS A 238 -28.83 -18.43 -9.93
N HIS A 239 -29.66 -17.40 -10.17
CA HIS A 239 -30.90 -17.24 -9.41
C HIS A 239 -32.09 -18.15 -9.90
N ARG B 14 14.87 -10.12 33.09
CA ARG B 14 15.24 -9.95 31.69
C ARG B 14 14.11 -9.37 30.88
N GLU B 15 13.10 -10.19 30.58
CA GLU B 15 11.98 -9.72 29.79
C GLU B 15 11.37 -8.43 30.34
N GLN B 16 11.54 -8.21 31.64
CA GLN B 16 11.18 -6.92 32.21
C GLN B 16 12.06 -5.87 31.52
N ILE B 17 13.32 -6.24 31.33
CA ILE B 17 14.28 -5.39 30.65
C ILE B 17 13.95 -5.28 29.16
N GLU B 18 13.92 -6.42 28.47
CA GLU B 18 13.58 -6.45 27.05
C GLU B 18 12.21 -5.82 26.77
N ALA B 19 11.32 -5.83 27.76
CA ALA B 19 10.02 -5.23 27.56
C ALA B 19 10.22 -3.72 27.48
N LYS B 20 10.99 -3.19 28.43
CA LYS B 20 11.25 -1.74 28.49
C LYS B 20 11.97 -1.25 27.24
N ILE B 21 12.93 -2.04 26.77
CA ILE B 21 13.62 -1.73 25.53
C ILE B 21 12.58 -1.59 24.43
N VAL B 22 11.66 -2.54 24.33
CA VAL B 22 10.66 -2.47 23.29
C VAL B 22 9.81 -1.23 23.47
N GLU B 23 9.46 -0.92 24.71
CA GLU B 23 8.65 0.25 24.96
C GLU B 23 9.41 1.52 24.57
N LEU B 24 10.69 1.59 24.96
CA LEU B 24 11.53 2.76 24.62
C LEU B 24 11.66 2.92 23.11
N GLY B 25 12.11 1.85 22.47
CA GLY B 25 12.26 1.81 21.02
C GLY B 25 10.99 2.18 20.30
N ARG B 26 9.85 1.79 20.86
CA ARG B 26 8.58 2.17 20.24
C ARG B 26 8.35 3.68 20.32
N ARG B 27 8.82 4.30 21.42
CA ARG B 27 8.72 5.75 21.58
C ARG B 27 9.66 6.44 20.59
N GLN B 28 10.88 5.94 20.47
CA GLN B 28 11.82 6.48 19.49
C GLN B 28 11.29 6.36 18.06
N LEU B 29 10.41 5.39 17.83
CA LEU B 29 9.79 5.21 16.50
C LEU B 29 8.77 6.29 16.24
N LEU B 30 7.92 6.51 17.23
CA LEU B 30 6.92 7.58 17.21
C LEU B 30 7.57 8.94 16.97
N ASP B 31 8.70 9.19 17.62
CA ASP B 31 9.33 10.51 17.55
C ASP B 31 10.14 10.71 16.28
N HIS B 32 11.07 9.79 15.99
CA HIS B 32 12.01 9.99 14.87
C HIS B 32 11.94 8.97 13.71
N GLY B 33 11.08 7.95 13.80
CA GLY B 33 11.13 6.84 12.85
C GLY B 33 12.36 5.98 13.04
N ALA B 34 12.58 4.99 12.17
CA ALA B 34 13.68 4.04 12.33
C ALA B 34 15.07 4.70 12.44
N ALA B 35 15.35 5.65 11.57
CA ALA B 35 16.64 6.34 11.60
C ALA B 35 17.02 6.67 13.04
N GLY B 36 16.03 7.02 13.87
CA GLY B 36 16.29 7.49 15.21
C GLY B 36 16.24 6.42 16.27
N LEU B 37 16.43 5.16 15.87
CA LEU B 37 16.53 4.11 16.86
C LEU B 37 17.93 4.16 17.45
N SER B 38 18.02 4.05 18.77
CA SER B 38 19.31 4.19 19.39
C SER B 38 19.43 3.36 20.64
N LEU B 39 20.26 2.35 20.55
CA LEU B 39 20.59 1.60 21.72
C LEU B 39 21.38 2.54 22.61
N ARG B 40 21.70 3.71 22.07
CA ARG B 40 22.38 4.74 22.84
C ARG B 40 21.43 5.41 23.84
N ALA B 41 20.36 6.02 23.31
CA ALA B 41 19.28 6.53 24.14
C ALA B 41 18.75 5.41 25.06
N ILE B 42 18.45 4.26 24.48
CA ILE B 42 17.81 3.23 25.27
C ILE B 42 18.71 2.92 26.44
N ALA B 43 20.01 3.08 26.19
CA ALA B 43 21.01 2.72 27.18
C ALA B 43 20.95 3.60 28.43
N ARG B 44 20.96 4.92 28.20
CA ARG B 44 20.91 5.88 29.30
CA ARG B 44 20.92 5.88 29.31
C ARG B 44 19.72 5.58 30.19
N ASN B 45 18.56 5.50 29.55
CA ASN B 45 17.30 5.39 30.23
C ASN B 45 17.28 4.18 31.19
N LEU B 46 17.89 3.08 30.78
CA LEU B 46 17.85 1.89 31.64
C LEU B 46 18.92 1.98 32.72
N GLY B 47 19.50 3.18 32.85
CA GLY B 47 20.61 3.38 33.76
C GLY B 47 21.66 2.41 33.33
N MET B 48 22.06 2.53 32.07
CA MET B 48 22.92 1.53 31.47
C MET B 48 23.97 2.15 30.54
N VAL B 49 25.07 1.42 30.40
CA VAL B 49 26.13 1.81 29.48
C VAL B 49 25.84 1.29 28.07
N SER B 50 26.10 2.09 27.05
CA SER B 50 25.84 1.68 25.66
C SER B 50 26.07 0.19 25.56
N SER B 51 27.29 -0.21 25.89
CA SER B 51 27.72 -1.61 25.80
C SER B 51 26.85 -2.58 26.60
N ALA B 52 26.32 -2.13 27.74
CA ALA B 52 25.50 -2.99 28.59
C ALA B 52 24.27 -3.55 27.85
N VAL B 53 23.63 -2.68 27.08
CA VAL B 53 22.40 -3.02 26.38
C VAL B 53 22.56 -4.20 25.43
N TYR B 54 23.72 -4.26 24.78
CA TYR B 54 23.93 -5.17 23.67
C TYR B 54 23.70 -6.65 23.96
N ARG B 55 23.67 -7.06 25.22
CA ARG B 55 23.38 -8.48 25.50
C ARG B 55 21.91 -8.74 25.24
N TYR B 56 21.07 -7.81 25.68
CA TYR B 56 19.63 -7.92 25.52
C TYR B 56 19.24 -7.76 24.05
N VAL B 57 19.77 -6.71 23.43
CA VAL B 57 19.45 -6.38 22.06
C VAL B 57 20.76 -6.04 21.39
N SER B 58 21.21 -6.91 20.50
CA SER B 58 22.58 -6.85 20.03
C SER B 58 22.86 -5.67 19.12
N SER B 59 21.85 -5.14 18.46
CA SER B 59 22.11 -4.23 17.37
C SER B 59 20.84 -3.51 16.99
N ARG B 60 20.99 -2.43 16.22
CA ARG B 60 19.82 -1.71 15.72
C ARG B 60 18.88 -2.69 14.99
N ASP B 61 19.43 -3.59 14.19
CA ASP B 61 18.60 -4.55 13.49
C ASP B 61 17.74 -5.35 14.45
N GLU B 62 18.35 -5.91 15.49
CA GLU B 62 17.64 -6.76 16.44
C GLU B 62 16.49 -6.01 17.11
N LEU B 63 16.75 -4.75 17.46
CA LEU B 63 15.70 -3.84 17.94
C LEU B 63 14.54 -3.74 16.96
N LEU B 64 14.87 -3.54 15.70
CA LEU B 64 13.87 -3.45 14.64
C LEU B 64 13.04 -4.70 14.54
N THR B 65 13.67 -5.87 14.58
CA THR B 65 12.89 -7.09 14.51
C THR B 65 12.05 -7.26 15.76
N LEU B 66 12.57 -6.90 16.93
CA LEU B 66 11.71 -6.96 18.10
C LEU B 66 10.51 -6.02 17.92
N LEU B 67 10.74 -4.85 17.39
CA LEU B 67 9.68 -3.89 17.25
C LEU B 67 8.66 -4.41 16.24
N LEU B 68 9.13 -5.12 15.21
CA LEU B 68 8.24 -5.70 14.20
C LEU B 68 7.36 -6.78 14.77
N VAL B 69 7.97 -7.75 15.45
CA VAL B 69 7.22 -8.82 16.07
C VAL B 69 6.17 -8.26 17.00
N ASP B 70 6.51 -7.21 17.74
CA ASP B 70 5.59 -6.62 18.71
C ASP B 70 4.36 -5.99 18.03
N ALA B 71 4.60 -5.26 16.95
CA ALA B 71 3.54 -4.59 16.19
C ALA B 71 2.62 -5.60 15.49
N TYR B 72 3.22 -6.56 14.80
CA TYR B 72 2.46 -7.63 14.18
C TYR B 72 1.56 -8.37 15.15
N SER B 73 2.12 -8.70 16.31
CA SER B 73 1.38 -9.39 17.36
C SER B 73 0.25 -8.60 17.92
N ASP B 74 0.51 -7.34 18.19
CA ASP B 74 -0.54 -6.47 18.69
C ASP B 74 -1.67 -6.31 17.67
N LEU B 75 -1.30 -6.10 16.42
CA LEU B 75 -2.30 -6.00 15.36
C LEU B 75 -3.14 -7.30 15.30
N ALA B 76 -2.49 -8.45 15.25
CA ALA B 76 -3.19 -9.76 15.14
C ALA B 76 -4.06 -10.03 16.36
N ASP B 77 -3.55 -9.71 17.56
CA ASP B 77 -4.36 -9.83 18.77
C ASP B 77 -5.56 -8.94 18.70
N THR B 78 -5.37 -7.72 18.23
CA THR B 78 -6.51 -6.84 18.01
C THR B 78 -7.54 -7.42 17.06
N VAL B 79 -7.08 -7.98 15.96
CA VAL B 79 -8.00 -8.63 15.07
C VAL B 79 -8.69 -9.85 15.72
N ASP B 80 -7.91 -10.73 16.35
CA ASP B 80 -8.48 -11.93 16.96
C ASP B 80 -9.57 -11.54 17.96
N ARG B 81 -9.25 -10.56 18.79
CA ARG B 81 -10.21 -10.05 19.75
C ARG B 81 -11.51 -9.63 19.07
N ALA B 82 -11.41 -8.89 17.96
CA ALA B 82 -12.60 -8.33 17.30
C ALA B 82 -13.48 -9.38 16.63
N ARG B 83 -12.90 -10.51 16.27
CA ARG B 83 -13.65 -11.63 15.72
C ARG B 83 -14.45 -12.33 16.83
N ASP B 84 -13.82 -12.48 17.99
CA ASP B 84 -14.50 -13.06 19.17
C ASP B 84 -15.70 -12.21 19.60
N ASP B 85 -15.63 -10.90 19.38
CA ASP B 85 -16.83 -10.04 19.36
C ASP B 85 -17.61 -10.38 18.10
N THR B 86 -18.93 -10.38 18.16
CA THR B 86 -19.72 -10.89 17.03
C THR B 86 -21.23 -10.80 16.73
N VAL B 87 -21.52 -10.61 15.45
CA VAL B 87 -22.71 -11.18 14.85
C VAL B 87 -22.13 -12.33 14.02
N ALA B 88 -22.30 -13.57 14.47
CA ALA B 88 -21.73 -14.73 13.76
C ALA B 88 -22.42 -14.90 12.41
N ASP B 89 -23.21 -13.91 12.04
CA ASP B 89 -24.21 -14.04 11.00
C ASP B 89 -23.67 -14.68 9.73
N SER B 90 -22.48 -14.24 9.30
CA SER B 90 -22.01 -14.67 8.00
C SER B 90 -20.54 -14.45 7.79
N TRP B 91 -19.98 -15.20 6.88
CA TRP B 91 -18.60 -15.05 6.54
C TRP B 91 -18.33 -13.58 6.17
N SER B 92 -19.28 -12.95 5.49
CA SER B 92 -19.03 -11.60 4.98
C SER B 92 -18.93 -10.60 6.16
N ASP B 93 -19.73 -10.81 7.20
CA ASP B 93 -19.70 -9.93 8.36
C ASP B 93 -18.40 -10.11 9.12
N ASP B 94 -17.88 -11.34 9.12
CA ASP B 94 -16.59 -11.66 9.68
C ASP B 94 -15.47 -10.91 8.94
N VAL B 95 -15.43 -11.00 7.61
CA VAL B 95 -14.45 -10.28 6.79
C VAL B 95 -14.49 -8.77 7.08
N ILE B 96 -15.68 -8.18 7.09
CA ILE B 96 -15.83 -6.75 7.40
C ILE B 96 -15.26 -6.41 8.77
N ALA B 97 -15.55 -7.25 9.76
CA ALA B 97 -15.09 -7.03 11.12
C ALA B 97 -13.58 -7.05 11.19
N ILE B 98 -12.97 -7.98 10.48
CA ILE B 98 -11.53 -8.02 10.39
C ILE B 98 -10.94 -6.73 9.79
N ALA B 99 -11.45 -6.35 8.62
CA ALA B 99 -10.95 -5.18 7.92
C ALA B 99 -11.05 -3.92 8.81
N ARG B 100 -12.22 -3.73 9.42
CA ARG B 100 -12.45 -2.61 10.32
C ARG B 100 -11.49 -2.60 11.51
N ALA B 101 -11.15 -3.78 12.02
CA ALA B 101 -10.19 -3.88 13.14
C ALA B 101 -8.79 -3.50 12.71
N VAL B 102 -8.40 -3.92 11.52
CA VAL B 102 -7.10 -3.59 11.00
C VAL B 102 -7.00 -2.09 10.81
N ARG B 103 -8.01 -1.50 10.21
CA ARG B 103 -7.98 -0.07 9.95
C ARG B 103 -7.97 0.74 11.28
N GLY B 104 -8.85 0.36 12.18
CA GLY B 104 -8.89 1.02 13.49
C GLY B 104 -7.56 0.96 14.21
N TRP B 105 -6.90 -0.19 14.14
CA TRP B 105 -5.59 -0.34 14.72
C TRP B 105 -4.56 0.59 14.07
N ALA B 106 -4.55 0.65 12.73
CA ALA B 106 -3.62 1.51 11.99
C ALA B 106 -3.87 3.00 12.29
N VAL B 107 -5.13 3.40 12.40
CA VAL B 107 -5.46 4.78 12.69
C VAL B 107 -4.99 5.15 14.15
N THR B 108 -5.12 4.23 15.10
CA THR B 108 -4.67 4.42 16.49
C THR B 108 -3.14 4.26 16.64
N ASN B 109 -2.51 3.53 15.73
CA ASN B 109 -1.05 3.29 15.79
C ASN B 109 -0.37 3.62 14.43
N PRO B 110 -0.39 4.90 14.02
CA PRO B 110 0.05 5.22 12.65
C PRO B 110 1.50 4.98 12.39
N ALA B 111 2.33 5.14 13.41
CA ALA B 111 3.76 4.91 13.22
C ALA B 111 4.08 3.41 13.18
N ARG B 112 3.34 2.62 13.94
CA ARG B 112 3.54 1.19 13.87
C ARG B 112 2.97 0.61 12.54
N TRP B 113 1.91 1.20 12.01
CA TRP B 113 1.43 0.83 10.67
C TRP B 113 2.52 1.15 9.65
N ALA B 114 3.17 2.30 9.80
CA ALA B 114 4.24 2.68 8.92
C ALA B 114 5.40 1.67 9.00
N LEU B 115 5.70 1.23 10.20
CA LEU B 115 6.71 0.20 10.43
C LEU B 115 6.38 -1.08 9.67
N LEU B 116 5.14 -1.52 9.82
CA LEU B 116 4.76 -2.78 9.21
C LEU B 116 4.59 -2.71 7.69
N TYR B 117 3.87 -1.71 7.19
CA TYR B 117 3.41 -1.71 5.78
C TYR B 117 3.89 -0.51 4.97
N GLY B 118 4.74 0.31 5.58
CA GLY B 118 5.29 1.46 4.92
C GLY B 118 6.70 1.19 4.43
N SER B 119 7.52 2.23 4.32
CA SER B 119 8.81 2.08 3.65
C SER B 119 9.73 1.15 4.42
N PRO B 120 10.50 0.34 3.70
CA PRO B 120 11.53 -0.51 4.32
C PRO B 120 12.66 0.30 4.93
N VAL B 121 13.38 -0.32 5.87
CA VAL B 121 14.54 0.31 6.46
C VAL B 121 15.68 -0.25 5.65
N PRO B 122 16.35 0.59 4.86
CA PRO B 122 17.35 -0.02 3.99
C PRO B 122 18.50 -0.57 4.83
N GLY B 123 19.07 -1.68 4.40
CA GLY B 123 20.13 -2.34 5.14
C GLY B 123 19.61 -3.33 6.16
N TYR B 124 18.29 -3.33 6.37
CA TYR B 124 17.67 -4.28 7.29
C TYR B 124 16.92 -5.36 6.52
N HIS B 125 17.24 -6.62 6.80
CA HIS B 125 16.42 -7.72 6.28
C HIS B 125 15.97 -8.61 7.43
N ALA B 126 14.65 -8.69 7.60
CA ALA B 126 14.04 -9.45 8.70
C ALA B 126 14.18 -10.95 8.45
N PRO B 127 14.96 -11.64 9.30
CA PRO B 127 15.00 -13.11 9.21
C PRO B 127 13.59 -13.70 9.33
N PRO B 128 13.09 -14.32 8.25
CA PRO B 128 11.74 -14.89 8.18
C PRO B 128 11.38 -15.79 9.35
N ASP B 129 12.37 -16.47 9.94
CA ASP B 129 12.12 -17.39 11.03
C ASP B 129 11.48 -16.65 12.21
N ARG B 130 11.75 -15.36 12.33
CA ARG B 130 11.20 -14.54 13.39
C ARG B 130 9.87 -13.88 13.00
N THR B 131 9.76 -13.53 11.74
CA THR B 131 8.70 -12.66 11.28
C THR B 131 7.53 -13.45 10.62
N ALA B 132 7.85 -14.48 9.84
CA ALA B 132 6.83 -15.21 9.07
C ALA B 132 5.55 -15.49 9.85
N GLY B 133 5.68 -16.04 11.05
CA GLY B 133 4.51 -16.45 11.81
C GLY B 133 3.54 -15.31 12.09
N VAL B 134 3.98 -14.35 12.91
CA VAL B 134 3.10 -13.25 13.29
C VAL B 134 2.67 -12.42 12.05
N ALA B 135 3.54 -12.33 11.05
CA ALA B 135 3.25 -11.51 9.88
C ALA B 135 2.11 -12.06 9.02
N THR B 136 1.67 -13.29 9.27
CA THR B 136 0.61 -13.87 8.44
C THR B 136 -0.66 -14.14 9.21
N ARG B 137 -0.72 -13.68 10.46
CA ARG B 137 -1.88 -13.96 11.32
C ARG B 137 -3.15 -13.24 10.90
N VAL B 138 -3.02 -12.05 10.32
CA VAL B 138 -4.21 -11.34 9.84
C VAL B 138 -4.64 -11.96 8.50
N VAL B 139 -3.68 -12.16 7.61
CA VAL B 139 -3.91 -12.93 6.39
C VAL B 139 -4.65 -14.24 6.72
N GLY B 140 -4.19 -14.90 7.78
CA GLY B 140 -4.74 -16.19 8.17
C GLY B 140 -6.15 -16.05 8.65
N ALA B 141 -6.41 -14.97 9.40
CA ALA B 141 -7.77 -14.67 9.82
C ALA B 141 -8.70 -14.49 8.66
N PHE B 142 -8.27 -13.74 7.64
CA PHE B 142 -9.11 -13.52 6.46
C PHE B 142 -9.42 -14.84 5.76
N PHE B 143 -8.41 -15.69 5.59
CA PHE B 143 -8.62 -17.00 4.96
C PHE B 143 -9.64 -17.80 5.77
N ASP B 144 -9.46 -17.82 7.10
CA ASP B 144 -10.34 -18.59 7.97
C ASP B 144 -11.76 -18.09 7.84
N ALA B 145 -11.94 -16.78 7.70
CA ALA B 145 -13.24 -16.20 7.63
C ALA B 145 -13.90 -16.58 6.31
N ILE B 146 -13.13 -16.53 5.24
CA ILE B 146 -13.61 -16.86 3.91
C ILE B 146 -13.87 -18.37 3.75
N ALA B 147 -13.08 -19.20 4.43
CA ALA B 147 -13.29 -20.66 4.40
C ALA B 147 -14.70 -21.03 4.87
N ALA B 148 -15.22 -20.29 5.84
CA ALA B 148 -16.58 -20.50 6.30
C ALA B 148 -17.59 -20.30 5.17
N GLY B 149 -17.33 -19.36 4.28
CA GLY B 149 -18.32 -19.04 3.26
C GLY B 149 -18.26 -20.09 2.15
N ILE B 150 -17.12 -20.77 2.07
CA ILE B 150 -16.96 -21.88 1.12
C ILE B 150 -17.68 -23.11 1.67
N ALA B 151 -17.43 -23.43 2.94
CA ALA B 151 -18.10 -24.59 3.57
C ALA B 151 -19.63 -24.51 3.54
N THR B 152 -20.20 -23.30 3.55
CA THR B 152 -21.65 -23.11 3.49
C THR B 152 -22.18 -22.80 2.09
N GLY B 153 -21.32 -22.84 1.09
CA GLY B 153 -21.78 -22.72 -0.29
C GLY B 153 -22.04 -21.31 -0.78
N ASP B 154 -21.93 -20.31 0.09
CA ASP B 154 -22.21 -18.94 -0.33
C ASP B 154 -21.13 -18.46 -1.29
N ILE B 155 -19.93 -18.99 -1.12
CA ILE B 155 -18.82 -18.70 -2.01
C ILE B 155 -18.62 -19.96 -2.83
N ARG B 156 -18.88 -19.85 -4.13
CA ARG B 156 -18.98 -21.00 -5.01
C ARG B 156 -17.65 -21.28 -5.70
N LEU B 157 -17.09 -22.47 -5.50
CA LEU B 157 -15.86 -22.83 -6.19
C LEU B 157 -16.19 -23.24 -7.60
N THR B 158 -15.37 -22.78 -8.53
CA THR B 158 -15.64 -22.92 -9.96
C THR B 158 -14.63 -23.83 -10.65
N ASP B 159 -13.61 -24.30 -9.91
CA ASP B 159 -12.56 -25.17 -10.47
C ASP B 159 -11.84 -24.58 -11.67
N ASP B 160 -11.66 -23.26 -11.60
CA ASP B 160 -11.03 -22.50 -12.64
C ASP B 160 -9.54 -22.48 -12.25
N VAL B 161 -8.71 -23.19 -13.01
CA VAL B 161 -7.29 -23.35 -12.68
C VAL B 161 -6.42 -22.25 -13.32
N ALA B 162 -5.51 -21.68 -12.55
CA ALA B 162 -4.63 -20.65 -13.07
C ALA B 162 -3.48 -21.28 -13.85
N PRO B 163 -2.86 -20.51 -14.73
CA PRO B 163 -1.64 -21.03 -15.37
C PRO B 163 -0.52 -21.22 -14.32
N GLN B 164 0.49 -22.03 -14.64
CA GLN B 164 1.71 -22.13 -13.85
C GLN B 164 2.59 -20.93 -14.15
N PRO B 165 3.45 -20.51 -13.20
CA PRO B 165 3.64 -21.10 -11.86
C PRO B 165 2.69 -20.54 -10.82
N MET B 166 1.77 -19.66 -11.21
CA MET B 166 0.85 -19.10 -10.23
C MET B 166 0.05 -20.19 -9.53
N SER B 167 -0.40 -21.20 -10.27
CA SER B 167 -1.19 -22.23 -9.64
C SER B 167 -0.37 -22.94 -8.55
N SER B 168 0.89 -23.25 -8.83
CA SER B 168 1.66 -23.97 -7.82
C SER B 168 1.99 -23.06 -6.63
N ASP B 169 2.19 -21.76 -6.90
CA ASP B 169 2.36 -20.77 -5.83
C ASP B 169 1.15 -20.82 -4.91
N PHE B 170 -0.02 -20.76 -5.51
CA PHE B 170 -1.25 -20.78 -4.77
C PHE B 170 -1.42 -22.09 -4.01
N GLU B 171 -0.93 -23.20 -4.55
CA GLU B 171 -1.14 -24.46 -3.87
C GLU B 171 -0.33 -24.46 -2.56
N LYS B 172 0.87 -23.90 -2.58
CA LYS B 172 1.65 -23.77 -1.35
C LYS B 172 0.90 -22.92 -0.34
N ILE B 173 0.34 -21.82 -0.78
CA ILE B 173 -0.36 -20.93 0.13
C ILE B 173 -1.54 -21.66 0.77
N ARG B 174 -2.33 -22.35 -0.04
CA ARG B 174 -3.41 -23.16 0.47
C ARG B 174 -2.99 -24.12 1.60
N GLN B 175 -1.87 -24.81 1.38
CA GLN B 175 -1.40 -25.84 2.31
C GLN B 175 -0.92 -25.24 3.62
N GLU B 176 -0.15 -24.17 3.51
CA GLU B 176 0.27 -23.36 4.66
C GLU B 176 -0.91 -23.01 5.56
N PHE B 177 -1.98 -22.47 4.98
CA PHE B 177 -3.10 -21.95 5.78
C PHE B 177 -4.28 -22.89 5.95
N GLY B 178 -4.19 -24.09 5.39
CA GLY B 178 -5.31 -25.02 5.44
C GLY B 178 -6.52 -24.40 4.78
N PHE B 179 -6.31 -23.67 3.69
CA PHE B 179 -7.39 -22.93 3.04
C PHE B 179 -7.97 -23.70 1.84
N PRO B 180 -9.27 -23.92 1.83
CA PRO B 180 -9.94 -24.75 0.82
C PRO B 180 -10.40 -23.99 -0.42
N GLY B 181 -9.94 -22.76 -0.63
CA GLY B 181 -10.30 -22.02 -1.83
C GLY B 181 -9.50 -22.45 -3.05
N ASP B 182 -10.12 -22.44 -4.22
CA ASP B 182 -9.40 -22.79 -5.44
C ASP B 182 -8.58 -21.60 -5.97
N ASP B 183 -8.08 -21.66 -7.20
CA ASP B 183 -7.13 -20.64 -7.67
C ASP B 183 -7.80 -19.25 -7.81
N ARG B 184 -9.07 -19.23 -8.19
CA ARG B 184 -9.74 -17.96 -8.32
C ARG B 184 -10.04 -17.31 -6.98
N VAL B 185 -10.43 -18.10 -5.98
CA VAL B 185 -10.68 -17.57 -4.67
C VAL B 185 -9.38 -17.00 -4.12
N VAL B 186 -8.27 -17.70 -4.29
CA VAL B 186 -7.01 -17.20 -3.76
C VAL B 186 -6.60 -15.87 -4.45
N THR B 187 -6.83 -15.75 -5.76
CA THR B 187 -6.60 -14.47 -6.46
C THR B 187 -7.43 -13.36 -5.86
N LYS B 188 -8.67 -13.67 -5.56
CA LYS B 188 -9.57 -12.72 -4.94
C LYS B 188 -9.12 -12.33 -3.51
N CYS B 189 -8.53 -13.29 -2.78
CA CYS B 189 -7.96 -13.01 -1.46
C CYS B 189 -6.77 -12.04 -1.56
N PHE B 190 -5.91 -12.20 -2.56
CA PHE B 190 -4.83 -11.26 -2.76
C PHE B 190 -5.38 -9.85 -3.04
N LEU B 191 -6.46 -9.76 -3.82
CA LEU B 191 -7.07 -8.46 -4.12
C LEU B 191 -7.62 -7.87 -2.84
N LEU B 192 -8.29 -8.68 -2.05
CA LEU B 192 -8.82 -8.23 -0.76
C LEU B 192 -7.74 -7.61 0.11
N TRP B 193 -6.67 -8.34 0.34
CA TRP B 193 -5.60 -7.91 1.19
C TRP B 193 -4.92 -6.62 0.66
N ALA B 194 -4.64 -6.61 -0.65
CA ALA B 194 -4.03 -5.45 -1.28
C ALA B 194 -4.92 -4.23 -1.15
N GLY B 195 -6.24 -4.42 -1.29
CA GLY B 195 -7.17 -3.31 -1.23
C GLY B 195 -7.28 -2.76 0.19
N VAL B 196 -7.21 -3.65 1.16
CA VAL B 196 -7.33 -3.27 2.55
C VAL B 196 -6.09 -2.49 2.98
N VAL B 197 -4.90 -3.04 2.69
CA VAL B 197 -3.66 -2.42 3.03
C VAL B 197 -3.48 -1.11 2.28
N GLY B 198 -3.77 -1.11 0.98
CA GLY B 198 -3.73 0.10 0.17
C GLY B 198 -4.63 1.22 0.69
N ALA B 199 -5.90 0.91 0.93
CA ALA B 199 -6.83 1.91 1.45
C ALA B 199 -6.37 2.46 2.79
N ILE B 200 -5.95 1.59 3.68
CA ILE B 200 -5.47 2.03 4.99
C ILE B 200 -4.27 2.96 4.85
N SER B 201 -3.29 2.56 4.07
CA SER B 201 -2.08 3.34 3.91
C SER B 201 -2.33 4.69 3.24
N LEU B 202 -3.20 4.72 2.25
CA LEU B 202 -3.55 5.98 1.60
C LEU B 202 -4.11 6.96 2.64
N GLU B 203 -4.94 6.48 3.54
CA GLU B 203 -5.53 7.31 4.55
C GLU B 203 -4.48 7.72 5.60
N VAL B 204 -3.87 6.72 6.23
CA VAL B 204 -2.93 6.93 7.32
C VAL B 204 -1.72 7.75 6.89
N PHE B 205 -1.18 7.50 5.70
CA PHE B 205 -0.01 8.25 5.26
C PHE B 205 -0.37 9.63 4.66
N GLY B 206 -1.65 9.98 4.62
CA GLY B 206 -2.09 11.28 4.10
C GLY B 206 -2.03 11.52 2.60
N GLN B 207 -2.30 10.49 1.80
CA GLN B 207 -2.03 10.57 0.36
C GLN B 207 -3.24 10.90 -0.50
N TYR B 208 -4.42 10.94 0.09
CA TYR B 208 -5.57 11.49 -0.60
C TYR B 208 -5.46 13.02 -0.62
N GLY B 209 -4.77 13.57 0.38
CA GLY B 209 -4.53 15.00 0.44
C GLY B 209 -5.73 15.87 0.80
N ALA B 210 -5.52 17.17 0.60
CA ALA B 210 -6.34 18.25 1.17
C ALA B 210 -7.81 18.24 0.83
N ASP B 211 -8.63 18.12 1.87
CA ASP B 211 -10.06 18.37 1.75
C ASP B 211 -10.70 17.44 0.73
N MET B 212 -10.23 16.19 0.67
CA MET B 212 -10.82 15.27 -0.29
C MET B 212 -11.92 14.40 0.29
N LEU B 213 -11.62 13.71 1.38
CA LEU B 213 -12.58 12.83 2.03
C LEU B 213 -12.90 13.31 3.43
N THR B 214 -14.16 13.64 3.62
CA THR B 214 -14.67 14.00 4.92
C THR B 214 -14.60 12.90 5.95
N ASP B 215 -14.95 11.68 5.57
CA ASP B 215 -14.86 10.57 6.48
C ASP B 215 -14.23 9.36 5.77
N PRO B 216 -12.92 9.20 5.90
CA PRO B 216 -12.24 8.13 5.15
C PRO B 216 -12.75 6.77 5.56
N GLY B 217 -13.25 6.62 6.78
CA GLY B 217 -13.75 5.34 7.23
C GLY B 217 -14.96 4.82 6.46
N VAL B 218 -15.84 5.73 6.08
CA VAL B 218 -17.04 5.38 5.31
C VAL B 218 -16.65 4.85 3.92
N VAL B 219 -15.65 5.49 3.34
CA VAL B 219 -15.09 5.06 2.08
C VAL B 219 -14.40 3.70 2.22
N PHE B 220 -13.65 3.51 3.29
CA PHE B 220 -13.05 2.20 3.54
C PHE B 220 -14.12 1.10 3.63
N ASP B 221 -15.16 1.35 4.41
CA ASP B 221 -16.25 0.38 4.51
C ASP B 221 -16.89 0.08 3.16
N ALA B 222 -17.02 1.09 2.31
CA ALA B 222 -17.62 0.88 1.01
C ALA B 222 -16.70 0.01 0.12
N GLN B 223 -15.40 0.28 0.16
CA GLN B 223 -14.41 -0.58 -0.51
C GLN B 223 -14.43 -2.03 -0.04
N THR B 224 -14.53 -2.25 1.27
CA THR B 224 -14.58 -3.61 1.80
C THR B 224 -15.79 -4.34 1.28
N ARG B 225 -16.92 -3.66 1.24
CA ARG B 225 -18.12 -4.27 0.73
C ARG B 225 -18.00 -4.66 -0.73
N LEU B 226 -17.32 -3.86 -1.56
CA LEU B 226 -17.07 -4.26 -2.94
C LEU B 226 -16.16 -5.51 -2.99
N LEU B 227 -15.18 -5.59 -2.09
CA LEU B 227 -14.24 -6.70 -2.12
C LEU B 227 -14.91 -7.99 -1.67
N VAL B 228 -15.87 -7.87 -0.76
CA VAL B 228 -16.70 -9.00 -0.37
C VAL B 228 -17.54 -9.46 -1.53
N ALA B 229 -18.06 -8.52 -2.30
CA ALA B 229 -18.91 -8.88 -3.44
C ALA B 229 -18.06 -9.54 -4.53
N VAL B 230 -16.79 -9.18 -4.64
CA VAL B 230 -15.90 -9.90 -5.57
C VAL B 230 -15.83 -11.41 -5.22
N LEU B 231 -15.70 -11.71 -3.93
CA LEU B 231 -15.64 -13.06 -3.45
C LEU B 231 -16.97 -13.79 -3.66
N ALA B 232 -18.08 -13.08 -3.54
CA ALA B 232 -19.38 -13.71 -3.58
C ALA B 232 -19.94 -13.90 -4.98
N GLU B 233 -19.39 -13.26 -5.98
CA GLU B 233 -19.99 -13.45 -7.29
C GLU B 233 -19.05 -13.96 -8.38
N HIS B 234 -19.62 -14.50 -9.43
CA HIS B 234 -18.85 -15.19 -10.47
C HIS B 234 -18.73 -14.32 -11.73
N HIS B 235 -17.48 -14.09 -12.16
CA HIS B 235 -17.19 -13.09 -13.18
C HIS B 235 -16.89 -13.67 -14.57
N HIS B 236 -16.80 -14.99 -14.69
CA HIS B 236 -16.45 -15.61 -15.97
C HIS B 236 -17.45 -16.74 -16.27
N HIS B 237 -17.68 -17.03 -17.55
CA HIS B 237 -18.51 -18.18 -17.94
C HIS B 237 -17.64 -19.38 -17.72
N HIS B 238 -17.62 -19.90 -16.51
CA HIS B 238 -16.81 -21.07 -16.26
C HIS B 238 -17.48 -22.08 -15.33
N HIS B 239 -18.03 -23.11 -15.95
CA HIS B 239 -18.80 -24.14 -15.26
C HIS B 239 -18.52 -25.49 -15.93
#